data_9GN6
#
_entry.id   9GN6
#
_cell.length_a   146.206
_cell.length_b   146.206
_cell.length_c   146.206
_cell.angle_alpha   90
_cell.angle_beta   90
_cell.angle_gamma   90
#
_symmetry.space_group_name_H-M   'I 2 3'
#
loop_
_entity.id
_entity.type
_entity.pdbx_description
1 polymer Deacetylase
2 non-polymer 'POTASSIUM ION'
3 non-polymer 'ZINC ION'
4 non-polymer 'OCTANEDIOIC ACID HYDROXYAMIDE PHENYLAMIDE'
5 water water
#
_entity_poly.entity_id   1
_entity_poly.type   'polypeptide(L)'
_entity_poly.pdbx_seq_one_letter_code
;MAHHHHHHVGTMKRKTGFFFDERCFWHSTGLHAVTLPVGGWVQPPAGGGHAESPETKRRMKNLMDVSGLTPQLALRSAAP
ASLEDLRRIHPDSYLERFKAISDNGGGMLGKEAPLGPGSYEIACLSAGLACAAVEAVLKGELDNAYSLSRPPGHHCLPDQ
SMGFCFLANIPIAVERAKAQLGLGKVAIIDWDVHHGNGTQHIYLQRDDVLTISLHQDGCFPPGYAGEDDRGVGAGEGYNI
NIPLLAGAGDDSWRYALETIVIPALARFEPELIIIACGYDANAMDPLARMQLHSDSFRAMTEQVQQAADRLCGGKLVMVH
EGGYAESYVPFCGLAVMEALSGIRTEVQDPLLEFIQQQQPRATFAQFQRQAIDRLAQQFGLQ
;
_entity_poly.pdbx_strand_id   A
#
# COMPACT_ATOMS: atom_id res chain seq x y z
N LYS A 13 -18.94 -3.58 14.82
CA LYS A 13 -20.07 -3.45 13.84
C LYS A 13 -19.84 -4.47 12.73
N ARG A 14 -18.70 -4.29 12.05
CA ARG A 14 -18.36 -5.00 10.82
C ARG A 14 -17.74 -6.37 11.13
N LYS A 15 -17.75 -7.27 10.14
CA LYS A 15 -16.95 -8.46 10.21
C LYS A 15 -15.72 -8.23 9.32
N THR A 16 -14.57 -7.95 9.96
CA THR A 16 -13.34 -7.51 9.33
C THR A 16 -12.32 -8.66 9.35
N GLY A 17 -11.88 -9.06 8.16
CA GLY A 17 -10.80 -10.01 8.01
C GLY A 17 -9.41 -9.38 8.18
N PHE A 18 -8.52 -10.15 8.82
CA PHE A 18 -7.12 -9.82 8.91
C PHE A 18 -6.34 -11.04 8.43
N PHE A 19 -5.76 -10.87 7.26
CA PHE A 19 -5.04 -11.94 6.63
C PHE A 19 -3.54 -11.76 6.85
N PHE A 20 -2.89 -12.77 7.43
CA PHE A 20 -1.47 -12.65 7.73
C PHE A 20 -0.91 -14.06 7.89
N ASP A 21 0.42 -14.17 7.79
CA ASP A 21 1.08 -15.46 7.96
C ASP A 21 2.47 -15.19 8.52
N GLU A 22 2.87 -15.96 9.56
CA GLU A 22 4.21 -15.88 10.11
C GLU A 22 5.29 -15.91 9.02
N ARG A 23 5.13 -16.73 7.98
CA ARG A 23 6.18 -16.84 6.97
C ARG A 23 6.53 -15.53 6.26
N CYS A 24 5.57 -14.61 6.13
CA CYS A 24 5.87 -13.32 5.54
C CYS A 24 6.95 -12.57 6.30
N PHE A 25 7.06 -12.80 7.62
CA PHE A 25 8.10 -12.14 8.38
C PHE A 25 9.48 -12.77 8.19
N TRP A 26 9.58 -13.86 7.42
CA TRP A 26 10.83 -14.58 7.28
C TRP A 26 11.55 -14.18 6.00
N HIS A 27 10.93 -13.38 5.12
CA HIS A 27 11.59 -12.90 3.93
C HIS A 27 12.73 -11.96 4.35
N SER A 28 13.89 -12.14 3.75
CA SER A 28 15.10 -11.36 4.06
C SER A 28 15.70 -10.87 2.72
N THR A 29 16.59 -9.89 2.83
CA THR A 29 17.14 -9.21 1.66
C THR A 29 18.64 -8.96 1.84
N GLY A 30 19.35 -9.74 2.65
CA GLY A 30 20.78 -9.53 2.87
C GLY A 30 21.11 -8.33 3.77
N LEU A 31 22.38 -7.92 3.74
CA LEU A 31 22.94 -6.94 4.65
C LEU A 31 22.94 -5.55 4.02
N HIS A 32 22.25 -4.62 4.67
CA HIS A 32 22.14 -3.24 4.24
C HIS A 32 22.30 -2.36 5.47
N ALA A 33 22.78 -1.13 5.27
CA ALA A 33 22.72 -0.08 6.27
C ALA A 33 21.59 0.82 5.87
N VAL A 34 20.43 0.58 6.48
CA VAL A 34 19.15 1.18 6.12
C VAL A 34 18.80 0.82 4.66
N THR A 35 19.07 1.66 3.65
CA THR A 35 18.78 1.26 2.28
C THR A 35 20.05 1.00 1.52
N LEU A 36 21.24 1.39 2.03
CA LEU A 36 22.45 1.20 1.30
C LEU A 36 22.96 -0.24 1.40
N PRO A 37 23.35 -0.87 0.27
CA PRO A 37 24.06 -2.14 0.35
C PRO A 37 25.42 -1.89 1.01
N VAL A 38 25.86 -2.90 1.78
CA VAL A 38 27.15 -2.81 2.43
C VAL A 38 28.25 -3.02 1.43
N GLY A 39 29.39 -2.36 1.66
CA GLY A 39 30.58 -2.52 0.86
C GLY A 39 31.05 -1.17 0.35
N GLY A 40 32.27 -1.11 -0.09
CA GLY A 40 32.83 0.14 -0.55
C GLY A 40 32.89 1.10 0.62
N TRP A 41 32.18 2.22 0.52
CA TRP A 41 32.27 3.25 1.52
C TRP A 41 31.20 3.07 2.60
N VAL A 42 30.27 2.13 2.41
CA VAL A 42 29.21 1.83 3.35
C VAL A 42 29.69 0.73 4.32
N GLN A 43 29.88 1.15 5.59
CA GLN A 43 30.31 0.29 6.67
C GLN A 43 29.18 -0.64 7.04
N PRO A 44 29.43 -1.90 7.37
CA PRO A 44 28.36 -2.77 7.84
C PRO A 44 27.72 -2.22 9.11
N PRO A 45 26.40 -2.43 9.29
CA PRO A 45 25.66 -1.92 10.47
C PRO A 45 25.93 -2.82 11.68
N ALA A 46 26.03 -2.25 12.88
CA ALA A 46 26.22 -3.01 14.11
C ALA A 46 24.89 -3.67 14.52
N GLY A 47 23.79 -2.94 14.42
CA GLY A 47 22.50 -3.49 14.80
C GLY A 47 21.65 -3.86 13.58
N GLY A 48 20.35 -3.48 13.65
CA GLY A 48 19.42 -3.69 12.55
C GLY A 48 19.98 -3.17 11.22
N GLY A 49 19.47 -3.75 10.12
CA GLY A 49 19.98 -3.54 8.77
C GLY A 49 18.94 -2.94 7.80
N HIS A 50 18.45 -3.72 6.83
CA HIS A 50 17.62 -3.19 5.76
C HIS A 50 16.39 -2.53 6.38
N ALA A 51 15.93 -1.40 5.82
CA ALA A 51 14.80 -0.66 6.39
C ALA A 51 13.53 -1.52 6.24
N GLU A 52 13.45 -2.31 5.16
CA GLU A 52 12.30 -3.18 4.91
C GLU A 52 12.44 -4.41 5.80
N SER A 53 12.26 -4.20 7.10
CA SER A 53 12.54 -5.25 8.05
C SER A 53 11.20 -5.86 8.45
N PRO A 54 11.24 -7.12 8.89
CA PRO A 54 10.02 -7.75 9.39
C PRO A 54 9.43 -6.98 10.58
N GLU A 55 10.27 -6.32 11.38
CA GLU A 55 9.80 -5.67 12.62
C GLU A 55 8.79 -4.54 12.35
N THR A 56 8.91 -3.88 11.20
CA THR A 56 7.99 -2.81 10.83
C THR A 56 6.55 -3.37 10.86
N LYS A 57 6.40 -4.57 10.33
CA LYS A 57 5.08 -5.17 10.20
C LYS A 57 4.72 -6.00 11.41
N ARG A 58 5.69 -6.73 12.00
CA ARG A 58 5.38 -7.58 13.12
C ARG A 58 4.94 -6.74 14.33
N ARG A 59 5.54 -5.56 14.52
CA ARG A 59 5.18 -4.75 15.70
C ARG A 59 3.72 -4.27 15.64
N MET A 60 3.17 -4.15 14.44
CA MET A 60 1.80 -3.73 14.28
C MET A 60 0.90 -4.86 14.79
N LYS A 61 1.15 -6.09 14.32
CA LYS A 61 0.36 -7.23 14.75
C LYS A 61 0.50 -7.45 16.27
N ASN A 62 1.70 -7.25 16.80
CA ASN A 62 1.93 -7.43 18.22
C ASN A 62 1.10 -6.46 19.05
N LEU A 63 1.00 -5.20 18.59
CA LEU A 63 0.21 -4.20 19.28
C LEU A 63 -1.29 -4.50 19.15
N MET A 64 -1.75 -4.96 17.99
CA MET A 64 -3.12 -5.43 17.83
C MET A 64 -3.45 -6.52 18.84
N ASP A 65 -2.52 -7.44 19.10
CA ASP A 65 -2.76 -8.47 20.07
C ASP A 65 -2.86 -7.90 21.49
N VAL A 66 -1.91 -7.09 21.94
CA VAL A 66 -1.92 -6.68 23.33
C VAL A 66 -3.05 -5.67 23.59
N SER A 67 -3.51 -4.95 22.58
CA SER A 67 -4.62 -4.02 22.67
C SER A 67 -5.97 -4.73 22.84
N GLY A 68 -6.05 -6.02 22.60
CA GLY A 68 -7.31 -6.73 22.66
C GLY A 68 -8.11 -6.69 21.34
N LEU A 69 -7.54 -6.13 20.27
CA LEU A 69 -8.28 -6.01 19.01
C LEU A 69 -8.35 -7.33 18.27
N THR A 70 -7.23 -8.04 18.23
CA THR A 70 -7.07 -9.21 17.37
C THR A 70 -8.21 -10.22 17.53
N PRO A 71 -8.65 -10.60 18.74
CA PRO A 71 -9.64 -11.66 18.88
C PRO A 71 -11.01 -11.23 18.36
N GLN A 72 -11.21 -9.95 18.07
CA GLN A 72 -12.47 -9.44 17.56
C GLN A 72 -12.47 -9.32 16.04
N LEU A 73 -11.45 -9.86 15.37
CA LEU A 73 -11.32 -9.80 13.92
C LEU A 73 -11.45 -11.22 13.41
N ALA A 74 -11.68 -11.39 12.11
CA ALA A 74 -11.62 -12.72 11.51
C ALA A 74 -10.20 -12.98 11.00
N LEU A 75 -9.45 -13.84 11.71
CA LEU A 75 -8.05 -14.04 11.39
C LEU A 75 -7.96 -15.16 10.35
N ARG A 76 -7.15 -14.94 9.36
CA ARG A 76 -7.01 -15.92 8.30
C ARG A 76 -5.59 -15.87 7.72
N SER A 77 -5.20 -16.99 7.13
CA SER A 77 -4.07 -17.11 6.24
C SER A 77 -4.63 -17.38 4.86
N ALA A 78 -3.81 -17.93 3.96
CA ALA A 78 -4.27 -18.23 2.63
C ALA A 78 -3.32 -19.20 1.97
N ALA A 79 -3.82 -19.83 0.92
CA ALA A 79 -2.98 -20.56 -0.01
C ALA A 79 -2.18 -19.54 -0.82
N PRO A 80 -0.92 -19.86 -1.16
CA PRO A 80 -0.09 -18.96 -1.97
C PRO A 80 -0.75 -18.77 -3.32
N ALA A 81 -0.49 -17.65 -3.97
CA ALA A 81 -0.88 -17.50 -5.35
C ALA A 81 -0.18 -18.58 -6.19
N SER A 82 -0.98 -19.20 -7.06
CA SER A 82 -0.52 -20.26 -7.95
C SER A 82 0.28 -19.64 -9.09
N LEU A 83 1.00 -20.50 -9.81
CA LEU A 83 1.68 -20.07 -11.03
C LEU A 83 0.72 -19.41 -12.02
N GLU A 84 -0.47 -20.00 -12.19
CA GLU A 84 -1.45 -19.42 -13.09
C GLU A 84 -1.81 -18.00 -12.65
N ASP A 85 -1.92 -17.76 -11.33
CA ASP A 85 -2.24 -16.44 -10.85
C ASP A 85 -1.14 -15.46 -11.20
N LEU A 86 0.10 -15.90 -10.99
CA LEU A 86 1.24 -15.03 -11.27
C LEU A 86 1.27 -14.70 -12.76
N ARG A 87 0.93 -15.69 -13.60
CA ARG A 87 1.09 -15.49 -15.03
C ARG A 87 0.03 -14.57 -15.62
N ARG A 88 -1.02 -14.21 -14.89
CA ARG A 88 -1.89 -13.19 -15.48
C ARG A 88 -1.16 -11.86 -15.51
N ILE A 89 -0.06 -11.68 -14.76
CA ILE A 89 0.60 -10.38 -14.70
C ILE A 89 2.02 -10.45 -15.27
N HIS A 90 2.77 -11.49 -14.86
CA HIS A 90 4.20 -11.57 -15.02
C HIS A 90 4.53 -12.61 -16.08
N PRO A 91 5.49 -12.36 -16.98
CA PRO A 91 5.90 -13.41 -17.92
C PRO A 91 6.81 -14.41 -17.20
N ASP A 92 6.98 -15.57 -17.80
CA ASP A 92 7.72 -16.68 -17.22
C ASP A 92 9.21 -16.37 -17.08
N SER A 93 9.77 -15.60 -18.01
CA SER A 93 11.18 -15.26 -17.97
C SER A 93 11.50 -14.54 -16.66
N TYR A 94 10.66 -13.61 -16.21
CA TYR A 94 10.86 -12.94 -14.92
C TYR A 94 10.71 -13.93 -13.76
N LEU A 95 9.60 -14.65 -13.76
CA LEU A 95 9.27 -15.56 -12.69
C LEU A 95 10.34 -16.62 -12.51
N GLU A 96 10.88 -17.16 -13.60
CA GLU A 96 11.87 -18.19 -13.51
C GLU A 96 13.15 -17.66 -12.89
N ARG A 97 13.54 -16.42 -13.24
CA ARG A 97 14.76 -15.82 -12.73
C ARG A 97 14.58 -15.47 -11.24
N PHE A 98 13.38 -15.01 -10.86
CA PHE A 98 13.11 -14.77 -9.45
C PHE A 98 13.25 -16.06 -8.64
N LYS A 99 12.55 -17.09 -9.07
CA LYS A 99 12.66 -18.36 -8.43
C LYS A 99 14.07 -18.95 -8.44
N ALA A 100 14.86 -18.80 -9.52
CA ALA A 100 16.23 -19.34 -9.55
C ALA A 100 17.06 -18.67 -8.47
N ILE A 101 16.99 -17.37 -8.37
CA ILE A 101 17.76 -16.67 -7.36
C ILE A 101 17.30 -17.09 -5.95
N SER A 102 15.99 -17.18 -5.74
CA SER A 102 15.42 -17.60 -4.47
C SER A 102 15.92 -18.99 -4.06
N ASP A 103 15.89 -19.90 -5.02
CA ASP A 103 16.28 -21.28 -4.82
C ASP A 103 17.77 -21.45 -4.65
N ASN A 104 18.58 -20.51 -5.13
CA ASN A 104 20.01 -20.67 -5.00
C ASN A 104 20.55 -19.90 -3.80
N GLY A 105 19.75 -19.54 -2.81
CA GLY A 105 20.32 -18.88 -1.65
C GLY A 105 20.07 -17.38 -1.62
N GLY A 106 19.33 -16.77 -2.58
CA GLY A 106 19.15 -15.34 -2.54
C GLY A 106 20.29 -14.64 -3.31
N GLY A 107 20.26 -13.33 -3.43
CA GLY A 107 21.10 -12.61 -4.37
C GLY A 107 20.31 -11.45 -4.99
N MET A 108 20.66 -11.06 -6.22
CA MET A 108 20.13 -9.84 -6.85
C MET A 108 19.28 -10.25 -8.05
N LEU A 109 18.10 -9.63 -8.15
CA LEU A 109 17.26 -9.77 -9.34
C LEU A 109 17.33 -8.44 -10.08
N GLY A 110 18.51 -8.20 -10.68
CA GLY A 110 18.92 -6.92 -11.25
C GLY A 110 19.21 -5.90 -10.15
N LYS A 111 19.53 -4.67 -10.55
CA LYS A 111 20.04 -3.67 -9.61
C LYS A 111 19.01 -3.32 -8.53
N GLU A 112 19.52 -3.21 -7.32
CA GLU A 112 18.74 -2.83 -6.14
C GLU A 112 17.44 -3.64 -6.07
N ALA A 113 17.48 -4.93 -6.50
CA ALA A 113 16.46 -5.89 -6.07
C ALA A 113 17.11 -7.09 -5.36
N PRO A 114 17.53 -6.92 -4.08
CA PRO A 114 18.06 -8.03 -3.28
C PRO A 114 16.91 -8.86 -2.72
N LEU A 115 17.07 -10.17 -2.74
CA LEU A 115 16.11 -11.04 -2.07
C LEU A 115 16.87 -12.14 -1.36
N GLY A 116 16.18 -12.94 -0.55
CA GLY A 116 16.85 -13.96 0.22
C GLY A 116 16.40 -15.34 -0.17
N PRO A 117 16.97 -16.35 0.48
CA PRO A 117 16.60 -17.72 0.22
C PRO A 117 15.11 -17.87 0.52
N GLY A 118 14.42 -18.51 -0.42
CA GLY A 118 13.02 -18.86 -0.24
C GLY A 118 12.11 -17.65 -0.41
N SER A 119 12.64 -16.50 -0.82
CA SER A 119 11.79 -15.32 -1.05
C SER A 119 10.67 -15.55 -2.06
N TYR A 120 10.90 -16.46 -3.05
CA TYR A 120 9.90 -16.69 -4.05
C TYR A 120 8.60 -17.21 -3.42
N GLU A 121 8.69 -18.28 -2.63
CA GLU A 121 7.54 -18.88 -2.00
C GLU A 121 6.93 -17.90 -1.01
N ILE A 122 7.70 -17.03 -0.41
CA ILE A 122 7.11 -16.11 0.55
C ILE A 122 6.38 -14.96 -0.18
N ALA A 123 6.91 -14.56 -1.33
CA ALA A 123 6.24 -13.56 -2.16
C ALA A 123 4.93 -14.13 -2.73
N CYS A 124 4.91 -15.42 -3.05
CA CYS A 124 3.68 -16.04 -3.53
C CYS A 124 2.63 -16.10 -2.42
N LEU A 125 3.03 -16.37 -1.20
CA LEU A 125 2.14 -16.27 -0.07
C LEU A 125 1.57 -14.87 0.14
N SER A 126 2.43 -13.86 0.13
CA SER A 126 2.06 -12.47 0.29
C SER A 126 1.01 -12.09 -0.75
N ALA A 127 1.18 -12.52 -1.99
CA ALA A 127 0.21 -12.21 -3.01
C ALA A 127 -1.06 -13.03 -2.75
N GLY A 128 -0.91 -14.26 -2.22
CA GLY A 128 -2.08 -15.11 -1.96
C GLY A 128 -2.96 -14.52 -0.83
N LEU A 129 -2.34 -13.87 0.16
CA LEU A 129 -3.10 -13.23 1.21
C LEU A 129 -3.99 -12.14 0.59
N ALA A 130 -3.43 -11.29 -0.28
CA ALA A 130 -4.22 -10.30 -1.02
C ALA A 130 -5.32 -10.95 -1.87
N CYS A 131 -5.04 -12.03 -2.61
CA CYS A 131 -6.06 -12.71 -3.40
C CYS A 131 -7.25 -13.12 -2.53
N ALA A 132 -6.98 -13.69 -1.36
CA ALA A 132 -7.98 -14.27 -0.49
C ALA A 132 -8.81 -13.17 0.18
N ALA A 133 -8.18 -12.06 0.58
CA ALA A 133 -8.87 -10.91 1.13
C ALA A 133 -9.89 -10.33 0.13
N VAL A 134 -9.47 -10.17 -1.11
CA VAL A 134 -10.35 -9.69 -2.18
C VAL A 134 -11.52 -10.65 -2.37
N GLU A 135 -11.23 -11.94 -2.41
CA GLU A 135 -12.24 -12.96 -2.60
C GLU A 135 -13.25 -12.98 -1.45
N ALA A 136 -12.78 -12.98 -0.20
CA ALA A 136 -13.68 -13.04 0.94
C ALA A 136 -14.68 -11.89 0.91
N VAL A 137 -14.20 -10.67 0.60
CA VAL A 137 -15.04 -9.49 0.61
C VAL A 137 -16.00 -9.53 -0.57
N LEU A 138 -15.50 -9.93 -1.74
CA LEU A 138 -16.33 -10.01 -2.92
C LEU A 138 -17.45 -11.01 -2.73
N LYS A 139 -17.17 -12.14 -2.09
CA LYS A 139 -18.19 -13.15 -1.93
C LYS A 139 -19.13 -12.83 -0.78
N GLY A 140 -18.91 -11.74 -0.05
CA GLY A 140 -19.81 -11.33 1.01
C GLY A 140 -19.57 -12.09 2.31
N GLU A 141 -18.48 -12.88 2.41
CA GLU A 141 -18.21 -13.58 3.68
C GLU A 141 -17.65 -12.62 4.74
N LEU A 142 -17.02 -11.51 4.32
CA LEU A 142 -16.54 -10.46 5.20
C LEU A 142 -17.08 -9.12 4.68
N ASP A 143 -17.27 -8.13 5.56
CA ASP A 143 -17.62 -6.77 5.15
C ASP A 143 -16.42 -6.06 4.52
N ASN A 144 -15.22 -6.31 5.09
CA ASN A 144 -14.00 -5.65 4.66
C ASN A 144 -12.81 -6.45 5.21
N ALA A 145 -11.60 -6.15 4.75
CA ALA A 145 -10.46 -7.00 5.09
C ALA A 145 -9.18 -6.21 4.91
N TYR A 146 -8.19 -6.61 5.70
CA TYR A 146 -6.81 -6.13 5.63
C TYR A 146 -5.89 -7.34 5.42
N SER A 147 -4.95 -7.22 4.46
CA SER A 147 -3.91 -8.19 4.17
C SER A 147 -2.53 -7.63 4.56
N LEU A 148 -1.84 -8.31 5.49
CA LEU A 148 -0.50 -7.93 5.94
C LEU A 148 0.52 -8.60 5.03
N SER A 149 0.51 -8.13 3.80
CA SER A 149 1.23 -8.73 2.70
C SER A 149 2.69 -8.21 2.75
N ARG A 150 3.66 -9.08 3.04
CA ARG A 150 5.08 -8.72 2.91
C ARG A 150 5.73 -9.88 2.20
N PRO A 151 6.51 -9.68 1.13
CA PRO A 151 6.96 -8.37 0.66
C PRO A 151 5.83 -7.60 -0.05
N PRO A 152 5.97 -6.28 -0.15
CA PRO A 152 4.98 -5.44 -0.85
C PRO A 152 4.95 -5.60 -2.38
N GLY A 153 4.04 -4.87 -3.05
CA GLY A 153 3.78 -5.13 -4.45
C GLY A 153 3.71 -3.91 -5.37
N HIS A 154 3.51 -2.69 -4.85
CA HIS A 154 3.00 -1.64 -5.74
C HIS A 154 4.04 -1.06 -6.68
N HIS A 155 5.35 -1.36 -6.51
CA HIS A 155 6.34 -0.91 -7.48
C HIS A 155 6.62 -1.98 -8.55
N CYS A 156 6.17 -3.21 -8.32
CA CYS A 156 6.64 -4.28 -9.19
C CYS A 156 6.05 -4.14 -10.59
N LEU A 157 6.90 -4.10 -11.59
CA LEU A 157 6.52 -4.19 -12.99
C LEU A 157 6.35 -5.64 -13.39
N PRO A 158 5.69 -5.95 -14.52
CA PRO A 158 5.53 -7.32 -14.98
C PRO A 158 6.85 -8.08 -15.00
N ASP A 159 7.90 -7.42 -15.45
CA ASP A 159 9.17 -8.11 -15.65
C ASP A 159 10.31 -7.42 -14.91
N GLN A 160 10.01 -6.68 -13.83
CA GLN A 160 11.07 -6.03 -13.11
C GLN A 160 10.65 -5.71 -11.68
N SER A 161 11.44 -6.24 -10.74
CA SER A 161 11.36 -5.95 -9.32
C SER A 161 11.86 -4.54 -9.10
N MET A 162 11.31 -3.87 -8.09
CA MET A 162 11.75 -2.52 -7.79
C MET A 162 11.17 -2.15 -6.43
N GLY A 163 11.89 -1.29 -5.72
CA GLY A 163 11.36 -0.70 -4.49
C GLY A 163 10.85 -1.76 -3.51
N PHE A 164 11.64 -2.84 -3.37
CA PHE A 164 11.47 -3.91 -2.39
C PHE A 164 10.30 -4.83 -2.76
N CYS A 165 9.73 -4.67 -3.96
CA CYS A 165 8.56 -5.43 -4.41
C CYS A 165 9.01 -6.44 -5.47
N PHE A 166 8.48 -7.66 -5.44
CA PHE A 166 8.90 -8.75 -6.31
C PHE A 166 7.74 -9.29 -7.13
N LEU A 167 6.53 -9.22 -6.57
CA LEU A 167 5.32 -9.60 -7.31
C LEU A 167 4.29 -8.46 -7.19
N ALA A 168 3.42 -8.33 -8.19
CA ALA A 168 2.44 -7.25 -8.14
C ALA A 168 1.21 -7.77 -7.37
N ASN A 169 1.26 -7.71 -6.03
CA ASN A 169 0.24 -8.27 -5.17
C ASN A 169 -1.20 -7.88 -5.57
N ILE A 170 -1.54 -6.60 -5.57
CA ILE A 170 -2.90 -6.17 -5.83
C ILE A 170 -3.35 -6.54 -7.25
N PRO A 171 -2.61 -6.27 -8.34
CA PRO A 171 -2.98 -6.77 -9.68
C PRO A 171 -3.18 -8.26 -9.81
N ILE A 172 -2.36 -9.06 -9.13
CA ILE A 172 -2.61 -10.48 -9.16
C ILE A 172 -3.98 -10.84 -8.56
N ALA A 173 -4.31 -10.26 -7.41
CA ALA A 173 -5.57 -10.50 -6.74
C ALA A 173 -6.77 -10.03 -7.58
N VAL A 174 -6.65 -8.83 -8.19
CA VAL A 174 -7.67 -8.27 -9.05
C VAL A 174 -7.85 -9.13 -10.30
N GLU A 175 -6.75 -9.46 -10.98
CA GLU A 175 -6.88 -10.24 -12.22
C GLU A 175 -7.49 -11.61 -11.91
N ARG A 176 -7.15 -12.21 -10.76
CA ARG A 176 -7.75 -13.47 -10.38
C ARG A 176 -9.24 -13.30 -10.13
N ALA A 177 -9.63 -12.20 -9.47
CA ALA A 177 -11.04 -11.98 -9.17
C ALA A 177 -11.85 -11.74 -10.46
N LYS A 178 -11.28 -11.04 -11.43
CA LYS A 178 -11.89 -10.84 -12.73
C LYS A 178 -12.04 -12.18 -13.45
N ALA A 179 -11.11 -13.09 -13.29
CA ALA A 179 -11.23 -14.33 -14.02
C ALA A 179 -12.16 -15.29 -13.29
N GLN A 180 -12.27 -15.27 -11.97
CA GLN A 180 -12.91 -16.40 -11.32
C GLN A 180 -14.18 -15.96 -10.60
N LEU A 181 -14.35 -14.67 -10.34
CA LEU A 181 -15.45 -14.23 -9.50
C LEU A 181 -16.28 -13.15 -10.19
N GLY A 182 -16.17 -13.00 -11.53
CA GLY A 182 -16.90 -11.99 -12.29
C GLY A 182 -16.70 -10.57 -11.77
N LEU A 183 -15.53 -10.18 -11.27
CA LEU A 183 -15.35 -8.79 -10.85
C LEU A 183 -15.35 -7.84 -12.05
N GLY A 184 -16.06 -6.72 -11.94
CA GLY A 184 -16.11 -5.67 -12.95
C GLY A 184 -15.18 -4.51 -12.59
N LYS A 185 -15.72 -3.31 -12.45
CA LYS A 185 -14.92 -2.13 -12.16
C LYS A 185 -14.40 -2.17 -10.72
N VAL A 186 -13.12 -1.80 -10.58
CA VAL A 186 -12.51 -1.72 -9.27
C VAL A 186 -11.61 -0.48 -9.25
N ALA A 187 -11.62 0.21 -8.11
CA ALA A 187 -10.72 1.33 -7.91
C ALA A 187 -9.61 0.94 -6.93
N ILE A 188 -8.37 1.32 -7.26
CA ILE A 188 -7.22 1.11 -6.39
C ILE A 188 -6.68 2.46 -5.96
N ILE A 189 -6.71 2.70 -4.65
CA ILE A 189 -6.23 3.95 -4.11
C ILE A 189 -4.95 3.64 -3.33
N ASP A 190 -3.87 4.31 -3.66
CA ASP A 190 -2.55 4.00 -3.11
C ASP A 190 -2.09 5.23 -2.34
N TRP A 191 -2.15 5.12 -0.99
CA TRP A 191 -1.71 6.21 -0.15
C TRP A 191 -0.38 5.91 0.53
N ASP A 192 0.27 4.82 0.14
CA ASP A 192 1.68 4.69 0.45
C ASP A 192 2.29 5.99 -0.06
N VAL A 193 3.33 6.49 0.61
CA VAL A 193 3.87 7.79 0.24
C VAL A 193 4.66 7.79 -1.08
N HIS A 194 4.99 6.63 -1.61
CA HIS A 194 5.70 6.52 -2.88
C HIS A 194 4.76 6.22 -4.04
N HIS A 195 5.20 6.45 -5.27
CA HIS A 195 4.27 6.35 -6.40
C HIS A 195 4.01 4.87 -6.72
N GLY A 196 2.76 4.43 -6.92
CA GLY A 196 2.45 3.06 -7.29
C GLY A 196 2.72 2.80 -8.78
N ASN A 197 3.99 2.85 -9.22
CA ASN A 197 4.33 2.80 -10.64
C ASN A 197 4.01 1.46 -11.27
N GLY A 198 3.97 0.39 -10.47
CA GLY A 198 3.67 -0.92 -10.99
C GLY A 198 2.19 -1.07 -11.33
N THR A 199 1.33 -0.73 -10.40
CA THR A 199 -0.11 -0.69 -10.62
C THR A 199 -0.45 0.24 -11.79
N GLN A 200 0.17 1.40 -11.86
CA GLN A 200 -0.13 2.35 -12.91
C GLN A 200 0.18 1.74 -14.28
N HIS A 201 1.35 1.09 -14.43
CA HIS A 201 1.81 0.50 -15.68
C HIS A 201 0.85 -0.60 -16.12
N ILE A 202 0.53 -1.50 -15.19
CA ILE A 202 -0.29 -2.67 -15.49
C ILE A 202 -1.67 -2.23 -16.00
N TYR A 203 -2.30 -1.23 -15.38
CA TYR A 203 -3.64 -0.84 -15.79
C TYR A 203 -3.65 0.38 -16.70
N LEU A 204 -2.54 0.79 -17.32
CA LEU A 204 -2.49 2.10 -17.97
C LEU A 204 -3.47 2.21 -19.14
N GLN A 205 -3.73 1.11 -19.85
CA GLN A 205 -4.57 1.15 -21.03
C GLN A 205 -5.97 0.61 -20.76
N ARG A 206 -6.40 0.52 -19.49
CA ARG A 206 -7.65 -0.14 -19.16
C ARG A 206 -8.61 0.82 -18.49
N ASP A 207 -9.90 0.74 -18.85
CA ASP A 207 -10.93 1.61 -18.27
C ASP A 207 -11.71 0.88 -17.17
N ASP A 208 -11.38 -0.39 -16.92
CA ASP A 208 -12.12 -1.21 -15.96
C ASP A 208 -11.46 -1.13 -14.58
N VAL A 209 -10.27 -0.52 -14.49
CA VAL A 209 -9.64 -0.24 -13.22
C VAL A 209 -9.20 1.22 -13.21
N LEU A 210 -9.55 1.92 -12.15
CA LEU A 210 -9.10 3.26 -11.89
C LEU A 210 -8.01 3.18 -10.85
N THR A 211 -6.83 3.71 -11.16
CA THR A 211 -5.69 3.71 -10.25
C THR A 211 -5.43 5.15 -9.91
N ILE A 212 -5.35 5.35 -8.60
CA ILE A 212 -5.11 6.63 -8.00
C ILE A 212 -3.92 6.50 -7.07
N SER A 213 -2.94 7.40 -7.22
CA SER A 213 -1.80 7.39 -6.33
C SER A 213 -1.62 8.78 -5.75
N LEU A 214 -1.66 8.86 -4.42
CA LEU A 214 -1.14 10.01 -3.70
C LEU A 214 0.28 9.70 -3.32
N HIS A 215 1.18 10.64 -3.59
CA HIS A 215 2.57 10.35 -3.27
C HIS A 215 3.32 11.64 -3.10
N GLN A 216 4.46 11.52 -2.45
CA GLN A 216 5.43 12.60 -2.36
C GLN A 216 6.05 12.85 -3.72
N ASP A 217 5.86 14.10 -4.20
CA ASP A 217 6.55 14.57 -5.38
C ASP A 217 8.05 14.22 -5.37
N GLY A 218 8.40 13.41 -6.37
CA GLY A 218 9.77 13.09 -6.77
C GLY A 218 10.42 12.03 -5.86
N CYS A 219 9.72 11.39 -4.93
CA CYS A 219 10.37 10.57 -3.90
C CYS A 219 10.82 9.21 -4.42
N PHE A 220 9.89 8.32 -4.74
CA PHE A 220 10.25 7.07 -5.37
C PHE A 220 9.11 6.61 -6.26
N PRO A 221 9.35 6.23 -7.54
CA PRO A 221 10.64 6.42 -8.21
C PRO A 221 11.12 7.86 -8.19
N PRO A 222 12.45 8.06 -8.09
CA PRO A 222 13.01 9.37 -7.80
C PRO A 222 12.74 10.29 -8.99
N GLY A 223 12.32 11.51 -8.70
CA GLY A 223 12.18 12.49 -9.78
C GLY A 223 10.87 12.34 -10.55
N TYR A 224 9.96 11.49 -10.10
CA TYR A 224 8.68 11.33 -10.76
C TYR A 224 7.55 12.03 -9.98
N ALA A 225 6.78 12.85 -10.72
CA ALA A 225 5.58 13.51 -10.21
C ALA A 225 4.31 12.87 -10.79
N GLY A 226 4.14 12.93 -12.12
CA GLY A 226 3.18 12.09 -12.81
C GLY A 226 1.81 12.74 -13.08
N GLU A 227 1.53 13.98 -12.65
CA GLU A 227 0.19 14.54 -12.81
C GLU A 227 -0.32 14.48 -14.26
N ASP A 228 0.55 14.64 -15.26
CA ASP A 228 0.12 14.60 -16.66
C ASP A 228 -0.08 13.17 -17.17
N ASP A 229 0.33 12.14 -16.42
CA ASP A 229 0.08 10.76 -16.84
C ASP A 229 -1.32 10.30 -16.41
N ARG A 230 -2.24 10.28 -17.39
CA ARG A 230 -3.66 10.06 -17.13
C ARG A 230 -4.13 8.72 -17.67
N GLY A 231 -3.24 7.99 -18.34
CA GLY A 231 -3.64 6.76 -19.00
C GLY A 231 -3.57 6.94 -20.51
N VAL A 232 -3.67 5.82 -21.24
CA VAL A 232 -3.44 5.78 -22.67
C VAL A 232 -4.56 4.99 -23.33
N GLY A 233 -5.05 5.45 -24.49
CA GLY A 233 -6.00 4.72 -25.33
C GLY A 233 -7.30 4.58 -24.56
N ALA A 234 -7.81 3.37 -24.43
CA ALA A 234 -9.03 3.19 -23.64
C ALA A 234 -8.83 3.62 -22.18
N GLY A 235 -7.60 3.59 -21.67
CA GLY A 235 -7.36 3.91 -20.27
C GLY A 235 -7.21 5.40 -19.97
N GLU A 236 -7.37 6.28 -20.96
CA GLU A 236 -7.14 7.69 -20.74
C GLU A 236 -8.24 8.27 -19.85
N GLY A 237 -7.87 8.98 -18.78
CA GLY A 237 -8.80 9.39 -17.75
C GLY A 237 -8.88 8.43 -16.56
N TYR A 238 -8.25 7.22 -16.62
CA TYR A 238 -8.45 6.23 -15.57
C TYR A 238 -7.19 6.02 -14.72
N ASN A 239 -6.24 6.96 -14.79
CA ASN A 239 -5.08 7.00 -13.91
C ASN A 239 -4.98 8.42 -13.36
N ILE A 240 -4.88 8.54 -12.04
CA ILE A 240 -4.77 9.84 -11.40
C ILE A 240 -3.56 9.83 -10.47
N ASN A 241 -2.58 10.70 -10.75
CA ASN A 241 -1.48 10.92 -9.83
C ASN A 241 -1.65 12.27 -9.12
N ILE A 242 -1.48 12.23 -7.80
CA ILE A 242 -1.50 13.40 -6.94
C ILE A 242 -0.16 13.58 -6.25
N PRO A 243 0.82 14.24 -6.91
CA PRO A 243 2.10 14.57 -6.28
C PRO A 243 1.98 15.70 -5.25
N LEU A 244 1.90 15.28 -4.00
CA LEU A 244 1.89 16.18 -2.88
C LEU A 244 3.32 16.64 -2.57
N LEU A 245 3.37 17.83 -1.98
CA LEU A 245 4.64 18.45 -1.59
C LEU A 245 5.20 17.72 -0.35
N ALA A 246 6.51 17.49 -0.43
CA ALA A 246 7.31 17.00 0.68
C ALA A 246 7.07 17.98 1.81
N GLY A 247 6.84 17.41 3.00
CA GLY A 247 6.54 18.21 4.17
C GLY A 247 5.05 18.26 4.50
N ALA A 248 4.19 17.87 3.57
CA ALA A 248 2.76 17.93 3.81
C ALA A 248 2.32 17.00 4.93
N GLY A 249 1.27 17.43 5.64
CA GLY A 249 0.75 16.73 6.79
C GLY A 249 -0.73 16.39 6.66
N ASP A 250 -1.38 16.28 7.83
CA ASP A 250 -2.73 15.74 7.94
C ASP A 250 -3.75 16.54 7.08
N ASP A 251 -3.70 17.87 7.18
CA ASP A 251 -4.64 18.72 6.45
C ASP A 251 -4.57 18.45 4.95
N SER A 252 -3.34 18.38 4.41
CA SER A 252 -3.14 18.24 2.98
C SER A 252 -3.59 16.90 2.44
N TRP A 253 -3.23 15.79 3.11
CA TRP A 253 -3.60 14.47 2.64
C TRP A 253 -5.10 14.28 2.72
N ARG A 254 -5.73 14.72 3.81
CA ARG A 254 -7.17 14.60 3.90
C ARG A 254 -7.89 15.51 2.88
N TYR A 255 -7.36 16.69 2.62
CA TYR A 255 -8.01 17.55 1.62
C TYR A 255 -7.91 16.92 0.23
N ALA A 256 -6.79 16.25 -0.06
CA ALA A 256 -6.61 15.64 -1.38
C ALA A 256 -7.60 14.49 -1.60
N LEU A 257 -7.81 13.70 -0.55
CA LEU A 257 -8.81 12.63 -0.56
C LEU A 257 -10.21 13.17 -0.82
N GLU A 258 -10.56 14.21 -0.05
CA GLU A 258 -11.86 14.88 -0.09
C GLU A 258 -12.12 15.46 -1.48
N THR A 259 -11.15 16.21 -2.05
CA THR A 259 -11.31 17.05 -3.23
C THR A 259 -11.09 16.26 -4.52
N ILE A 260 -10.26 15.20 -4.50
CA ILE A 260 -9.88 14.52 -5.75
C ILE A 260 -10.37 13.08 -5.74
N VAL A 261 -9.97 12.32 -4.71
CA VAL A 261 -10.21 10.89 -4.71
C VAL A 261 -11.69 10.55 -4.55
N ILE A 262 -12.38 11.11 -3.55
CA ILE A 262 -13.79 10.75 -3.32
C ILE A 262 -14.66 11.12 -4.53
N PRO A 263 -14.56 12.35 -5.11
CA PRO A 263 -15.26 12.65 -6.36
C PRO A 263 -14.88 11.75 -7.54
N ALA A 264 -13.61 11.32 -7.62
CA ALA A 264 -13.22 10.46 -8.74
C ALA A 264 -13.92 9.10 -8.62
N LEU A 265 -14.01 8.60 -7.40
CA LEU A 265 -14.69 7.33 -7.16
C LEU A 265 -16.16 7.47 -7.53
N ALA A 266 -16.81 8.52 -7.01
CA ALA A 266 -18.22 8.81 -7.35
C ALA A 266 -18.45 8.80 -8.87
N ARG A 267 -17.53 9.35 -9.66
CA ARG A 267 -17.70 9.36 -11.11
C ARG A 267 -17.52 7.95 -11.70
N PHE A 268 -16.54 7.20 -11.21
CA PHE A 268 -16.20 5.91 -11.80
C PHE A 268 -17.19 4.81 -11.42
N GLU A 269 -17.77 4.86 -10.21
CA GLU A 269 -18.71 3.86 -9.70
C GLU A 269 -18.10 2.45 -9.66
N PRO A 270 -17.12 2.17 -8.78
CA PRO A 270 -16.52 0.84 -8.69
C PRO A 270 -17.44 -0.18 -8.02
N GLU A 271 -17.16 -1.47 -8.16
CA GLU A 271 -17.80 -2.52 -7.38
C GLU A 271 -16.93 -2.93 -6.19
N LEU A 272 -15.70 -2.43 -6.12
CA LEU A 272 -14.83 -2.78 -5.02
C LEU A 272 -13.77 -1.69 -4.98
N ILE A 273 -13.45 -1.23 -3.77
CA ILE A 273 -12.32 -0.35 -3.55
C ILE A 273 -11.21 -1.15 -2.85
N ILE A 274 -9.99 -1.02 -3.36
CA ILE A 274 -8.80 -1.58 -2.73
C ILE A 274 -7.86 -0.45 -2.40
N ILE A 275 -7.34 -0.47 -1.17
CA ILE A 275 -6.34 0.50 -0.79
C ILE A 275 -4.97 -0.16 -0.79
N ALA A 276 -4.01 0.47 -1.46
CA ALA A 276 -2.61 0.08 -1.23
C ALA A 276 -2.13 0.93 -0.07
N CYS A 277 -2.13 0.28 1.10
CA CYS A 277 -2.03 0.96 2.37
C CYS A 277 -0.59 0.90 2.91
N GLY A 278 0.23 1.88 2.55
CA GLY A 278 1.49 2.10 3.25
C GLY A 278 1.32 3.14 4.34
N TYR A 279 2.27 3.17 5.26
CA TYR A 279 2.30 4.08 6.40
C TYR A 279 3.54 4.97 6.35
N ASP A 280 4.27 4.94 5.25
CA ASP A 280 5.52 5.66 5.14
CA ASP A 280 5.52 5.66 5.17
C ASP A 280 5.34 7.15 4.91
N ALA A 281 4.10 7.65 4.87
CA ALA A 281 3.87 9.10 4.98
C ALA A 281 3.83 9.51 6.45
N ASN A 282 4.11 8.59 7.40
CA ASN A 282 4.09 8.98 8.82
C ASN A 282 5.26 9.90 9.12
N ALA A 283 5.13 10.71 10.18
CA ALA A 283 6.00 11.83 10.42
C ALA A 283 7.40 11.45 10.90
N MET A 284 7.64 10.17 11.22
CA MET A 284 8.95 9.70 11.67
C MET A 284 9.61 8.76 10.65
N ASP A 285 9.11 8.75 9.42
CA ASP A 285 9.62 7.80 8.44
C ASP A 285 10.93 8.23 7.83
N PRO A 286 11.97 7.38 7.80
CA PRO A 286 13.23 7.74 7.15
C PRO A 286 13.13 7.75 5.60
N LEU A 287 12.11 7.12 4.97
CA LEU A 287 12.10 6.93 3.51
C LEU A 287 11.16 7.93 2.79
N ALA A 288 10.62 8.86 3.56
CA ALA A 288 9.90 10.01 2.98
C ALA A 288 9.86 11.15 3.98
N ARG A 289 9.25 12.28 3.56
CA ARG A 289 9.30 13.52 4.30
C ARG A 289 7.91 14.06 4.62
N MET A 290 6.90 13.21 4.82
CA MET A 290 5.55 13.67 5.09
C MET A 290 5.34 13.72 6.60
N GLN A 291 4.26 14.36 7.01
CA GLN A 291 3.98 14.57 8.43
C GLN A 291 2.64 14.00 8.91
N LEU A 292 2.28 12.77 8.48
CA LEU A 292 1.03 12.15 8.99
C LEU A 292 1.19 11.49 10.37
N HIS A 293 0.09 11.45 11.12
CA HIS A 293 0.01 10.77 12.40
C HIS A 293 -1.09 9.72 12.29
N SER A 294 -1.25 8.96 13.36
CA SER A 294 -2.17 7.84 13.42
C SER A 294 -3.60 8.30 13.11
N ASP A 295 -4.02 9.47 13.62
CA ASP A 295 -5.36 10.00 13.30
C ASP A 295 -5.52 10.41 11.84
N SER A 296 -4.45 10.80 11.14
CA SER A 296 -4.49 10.98 9.70
C SER A 296 -4.91 9.69 9.01
N PHE A 297 -4.29 8.56 9.40
CA PHE A 297 -4.58 7.30 8.75
C PHE A 297 -5.99 6.81 9.14
N ARG A 298 -6.43 7.05 10.37
CA ARG A 298 -7.77 6.72 10.79
C ARG A 298 -8.81 7.51 9.99
N ALA A 299 -8.54 8.80 9.77
CA ALA A 299 -9.47 9.66 9.01
C ALA A 299 -9.52 9.26 7.52
N MET A 300 -8.38 8.93 6.93
CA MET A 300 -8.37 8.50 5.53
C MET A 300 -9.13 7.19 5.39
N THR A 301 -9.00 6.26 6.35
CA THR A 301 -9.72 4.99 6.31
C THR A 301 -11.24 5.22 6.40
N GLU A 302 -11.67 6.05 7.33
CA GLU A 302 -13.07 6.45 7.43
C GLU A 302 -13.61 7.03 6.10
N GLN A 303 -12.85 7.91 5.47
CA GLN A 303 -13.27 8.53 4.21
C GLN A 303 -13.47 7.43 3.16
N VAL A 304 -12.58 6.45 3.06
CA VAL A 304 -12.73 5.51 1.96
C VAL A 304 -13.76 4.45 2.35
N GLN A 305 -13.92 4.14 3.65
CA GLN A 305 -14.94 3.20 4.07
C GLN A 305 -16.30 3.82 3.76
N GLN A 306 -16.46 5.10 4.08
CA GLN A 306 -17.71 5.79 3.79
C GLN A 306 -18.00 5.78 2.30
N ALA A 307 -17.00 6.02 1.45
CA ALA A 307 -17.22 5.95 0.02
C ALA A 307 -17.66 4.54 -0.34
N ALA A 308 -17.00 3.50 0.18
CA ALA A 308 -17.37 2.11 -0.14
C ALA A 308 -18.83 1.82 0.24
N ASP A 309 -19.26 2.40 1.37
CA ASP A 309 -20.65 2.27 1.83
C ASP A 309 -21.63 2.87 0.82
N ARG A 310 -21.31 4.08 0.31
CA ARG A 310 -22.14 4.75 -0.68
C ARG A 310 -22.08 4.03 -2.03
N LEU A 311 -20.95 3.46 -2.44
CA LEU A 311 -20.77 3.08 -3.84
C LEU A 311 -20.82 1.57 -4.09
N CYS A 312 -20.30 0.72 -3.20
CA CYS A 312 -20.19 -0.69 -3.53
C CYS A 312 -20.50 -1.56 -2.31
N GLY A 313 -21.56 -1.20 -1.58
CA GLY A 313 -22.11 -2.03 -0.53
C GLY A 313 -21.12 -2.29 0.62
N GLY A 314 -20.16 -1.38 0.80
CA GLY A 314 -19.17 -1.43 1.88
C GLY A 314 -17.91 -2.25 1.59
N LYS A 315 -17.77 -2.75 0.36
CA LYS A 315 -16.69 -3.65 0.00
C LYS A 315 -15.36 -2.89 -0.13
N LEU A 316 -14.50 -3.06 0.88
CA LEU A 316 -13.21 -2.41 0.97
C LEU A 316 -12.16 -3.45 1.39
N VAL A 317 -11.07 -3.55 0.61
CA VAL A 317 -9.90 -4.32 0.97
C VAL A 317 -8.69 -3.41 1.07
N MET A 318 -7.86 -3.60 2.11
CA MET A 318 -6.61 -2.87 2.28
C MET A 318 -5.47 -3.87 2.26
N VAL A 319 -4.40 -3.50 1.56
CA VAL A 319 -3.26 -4.34 1.37
C VAL A 319 -2.03 -3.53 1.80
N HIS A 320 -1.33 -4.02 2.81
CA HIS A 320 -0.12 -3.42 3.35
C HIS A 320 0.95 -3.25 2.26
N GLU A 321 1.59 -2.09 2.28
CA GLU A 321 2.71 -1.81 1.41
C GLU A 321 3.91 -1.46 2.28
N GLY A 322 4.26 -0.17 2.32
CA GLY A 322 5.40 0.38 3.00
C GLY A 322 5.09 0.89 4.41
N GLY A 323 6.15 1.44 5.04
CA GLY A 323 6.16 2.02 6.38
C GLY A 323 7.39 1.48 7.12
N TYR A 324 8.31 2.39 7.48
CA TYR A 324 9.63 2.00 7.96
C TYR A 324 9.95 2.62 9.32
N ALA A 325 9.06 3.39 9.93
CA ALA A 325 9.27 3.89 11.31
C ALA A 325 8.91 2.81 12.31
N GLU A 326 9.92 2.17 12.90
CA GLU A 326 9.64 0.94 13.63
C GLU A 326 8.78 1.11 14.92
N SER A 327 8.98 2.21 15.59
CA SER A 327 8.24 2.48 16.80
C SER A 327 6.87 3.10 16.49
N TYR A 328 6.72 3.74 15.31
CA TYR A 328 5.52 4.54 15.06
C TYR A 328 4.52 3.83 14.16
N VAL A 329 4.97 3.10 13.13
CA VAL A 329 4.05 2.43 12.27
C VAL A 329 3.01 1.62 13.06
N PRO A 330 3.34 0.86 14.11
CA PRO A 330 2.29 0.09 14.78
C PRO A 330 1.05 0.92 15.20
N PHE A 331 1.28 2.16 15.65
CA PHE A 331 0.19 3.01 16.10
C PHE A 331 -0.70 3.44 14.92
N CYS A 332 -0.07 3.60 13.75
CA CYS A 332 -0.78 3.97 12.54
C CYS A 332 -1.60 2.79 12.04
N GLY A 333 -1.00 1.60 12.00
CA GLY A 333 -1.68 0.38 11.65
C GLY A 333 -2.85 0.07 12.55
N LEU A 334 -2.65 0.21 13.87
CA LEU A 334 -3.70 -0.03 14.79
C LEU A 334 -4.89 0.90 14.47
N ALA A 335 -4.60 2.18 14.27
CA ALA A 335 -5.65 3.14 13.92
C ALA A 335 -6.45 2.69 12.71
N VAL A 336 -5.77 2.21 11.65
CA VAL A 336 -6.48 1.78 10.48
C VAL A 336 -7.40 0.62 10.81
N MET A 337 -6.92 -0.38 11.59
CA MET A 337 -7.72 -1.53 11.88
C MET A 337 -8.89 -1.21 12.80
N GLU A 338 -8.68 -0.28 13.73
CA GLU A 338 -9.76 0.25 14.54
C GLU A 338 -10.84 0.90 13.64
N ALA A 339 -10.44 1.75 12.68
CA ALA A 339 -11.41 2.41 11.81
C ALA A 339 -12.08 1.38 10.90
N LEU A 340 -11.33 0.37 10.44
CA LEU A 340 -11.90 -0.60 9.53
C LEU A 340 -12.94 -1.48 10.20
N SER A 341 -12.63 -1.94 11.41
CA SER A 341 -13.47 -2.87 12.14
C SER A 341 -14.57 -2.16 12.90
N GLY A 342 -14.44 -0.84 13.11
CA GLY A 342 -15.42 -0.12 13.90
C GLY A 342 -15.19 -0.28 15.40
N ILE A 343 -14.05 -0.85 15.85
CA ILE A 343 -13.78 -1.11 17.25
C ILE A 343 -12.66 -0.19 17.70
N ARG A 344 -12.84 0.53 18.81
CA ARG A 344 -11.83 1.42 19.34
C ARG A 344 -11.23 0.72 20.57
N THR A 345 -9.93 0.46 20.61
CA THR A 345 -9.27 -0.07 21.80
C THR A 345 -9.00 1.07 22.80
N GLU A 346 -8.33 0.75 23.90
CA GLU A 346 -7.91 1.79 24.85
C GLU A 346 -6.54 2.35 24.48
N VAL A 347 -5.92 1.96 23.38
CA VAL A 347 -4.60 2.51 23.07
C VAL A 347 -4.69 3.99 22.67
N GLN A 348 -3.82 4.78 23.26
CA GLN A 348 -3.64 6.18 22.89
C GLN A 348 -2.23 6.30 22.34
N ASP A 349 -2.15 6.94 21.17
CA ASP A 349 -0.95 7.11 20.42
C ASP A 349 -0.10 8.12 21.20
N PRO A 350 1.07 7.72 21.71
CA PRO A 350 1.90 8.60 22.54
C PRO A 350 2.63 9.74 21.82
N LEU A 351 2.65 9.70 20.49
CA LEU A 351 3.23 10.79 19.71
C LEU A 351 2.17 11.69 19.07
N LEU A 352 0.89 11.41 19.24
CA LEU A 352 -0.12 12.11 18.48
C LEU A 352 -0.05 13.61 18.69
N GLU A 353 -0.10 14.02 19.97
CA GLU A 353 -0.14 15.44 20.22
C GLU A 353 1.15 16.11 19.77
N PHE A 354 2.30 15.45 19.94
CA PHE A 354 3.58 15.96 19.42
C PHE A 354 3.56 16.22 17.91
N ILE A 355 3.11 15.25 17.14
CA ILE A 355 3.09 15.41 15.69
C ILE A 355 2.02 16.45 15.26
N GLN A 356 0.89 16.56 15.99
CA GLN A 356 -0.10 17.62 15.74
C GLN A 356 0.52 19.01 15.85
N GLN A 357 1.41 19.19 16.82
CA GLN A 357 2.07 20.46 16.98
C GLN A 357 3.12 20.75 15.92
N GLN A 358 3.63 19.75 15.23
CA GLN A 358 4.66 19.95 14.21
C GLN A 358 4.05 20.27 12.83
N GLN A 359 2.73 20.12 12.70
CA GLN A 359 2.08 20.26 11.42
C GLN A 359 2.42 21.60 10.76
N PRO A 360 2.54 21.65 9.41
CA PRO A 360 2.77 22.92 8.69
C PRO A 360 1.74 23.99 9.05
N ARG A 361 2.20 25.22 9.17
CA ARG A 361 1.33 26.36 9.45
C ARG A 361 0.46 26.71 8.23
N ALA A 362 -0.41 27.71 8.42
CA ALA A 362 -1.43 28.10 7.44
C ALA A 362 -0.89 28.47 6.06
N THR A 363 0.25 29.19 6.02
CA THR A 363 0.84 29.56 4.75
C THR A 363 1.03 28.33 3.86
N PHE A 364 1.75 27.31 4.37
CA PHE A 364 2.01 26.13 3.57
C PHE A 364 0.69 25.41 3.27
N ALA A 365 -0.17 25.27 4.30
CA ALA A 365 -1.40 24.50 4.13
C ALA A 365 -2.25 25.03 2.97
N GLN A 366 -2.39 26.36 2.91
CA GLN A 366 -3.19 26.99 1.88
C GLN A 366 -2.50 26.80 0.55
N PHE A 367 -1.15 26.93 0.52
CA PHE A 367 -0.41 26.74 -0.72
C PHE A 367 -0.68 25.34 -1.28
N GLN A 368 -0.58 24.32 -0.44
CA GLN A 368 -0.83 22.97 -0.87
C GLN A 368 -2.30 22.72 -1.26
N ARG A 369 -3.25 23.26 -0.51
CA ARG A 369 -4.66 23.27 -0.94
C ARG A 369 -4.86 23.86 -2.33
N GLN A 370 -4.20 24.95 -2.67
CA GLN A 370 -4.35 25.51 -4.01
C GLN A 370 -3.74 24.61 -5.08
N ALA A 371 -2.66 23.89 -4.75
CA ALA A 371 -2.03 23.00 -5.71
C ALA A 371 -2.98 21.84 -5.98
N ILE A 372 -3.66 21.36 -4.93
CA ILE A 372 -4.65 20.28 -5.05
C ILE A 372 -5.86 20.75 -5.85
N ASP A 373 -6.32 21.97 -5.58
CA ASP A 373 -7.38 22.58 -6.40
C ASP A 373 -7.02 22.62 -7.90
N ARG A 374 -5.77 23.00 -8.23
CA ARG A 374 -5.37 23.03 -9.62
C ARG A 374 -5.41 21.63 -10.23
N LEU A 375 -5.00 20.60 -9.49
CA LEU A 375 -5.05 19.23 -10.01
C LEU A 375 -6.49 18.79 -10.24
N ALA A 376 -7.39 19.06 -9.30
CA ALA A 376 -8.78 18.66 -9.46
C ALA A 376 -9.41 19.28 -10.69
N GLN A 377 -9.07 20.54 -10.96
CA GLN A 377 -9.52 21.22 -12.18
C GLN A 377 -8.91 20.52 -13.39
N GLN A 378 -7.61 20.22 -13.35
CA GLN A 378 -6.98 19.59 -14.50
C GLN A 378 -7.59 18.21 -14.75
N PHE A 379 -8.13 17.54 -13.72
CA PHE A 379 -8.64 16.18 -13.88
C PHE A 379 -10.15 16.24 -14.12
N GLY A 380 -10.72 17.44 -14.26
CA GLY A 380 -12.13 17.61 -14.57
C GLY A 380 -13.05 17.29 -13.39
N LEU A 381 -12.59 17.54 -12.16
CA LEU A 381 -13.33 17.19 -10.97
C LEU A 381 -13.75 18.44 -10.21
N GLN A 382 -13.64 19.63 -10.81
CA GLN A 382 -13.95 20.84 -10.07
C GLN A 382 -14.30 21.97 -11.06
#